data_3D18
#
_entry.id   3D18
#
_cell.length_a   50.753
_cell.length_b   82.560
_cell.length_c   108.993
_cell.angle_alpha   90.00
_cell.angle_beta   90.00
_cell.angle_gamma   90.00
#
_symmetry.space_group_name_H-M   'P 21 21 21'
#
loop_
_entity.id
_entity.type
_entity.pdbx_description
1 polymer 'HLA class I histocompatibility antigen, B-27 alpha chain'
2 polymer Beta-2-microglobulin
3 polymer 'Latent membrane protein 2'
4 non-polymer GLYCEROL
5 non-polymer 2-AMINO-2-HYDROXYMETHYL-PROPANE-1,3-DIOL
6 non-polymer '2-(N-MORPHOLINO)-ETHANESULFONIC ACID'
7 water water
#
loop_
_entity_poly.entity_id
_entity_poly.type
_entity_poly.pdbx_seq_one_letter_code
_entity_poly.pdbx_strand_id
1 'polypeptide(L)'
;GSHSMRYFHTSVSRPGRGEPRFITVGYVDDTLFVRFDSDAASPREEPRAPWIEQEGPEYWDRETQICKAKAQTDREDLRT
LLRYYNQSEAGSHTLQNMYGCDVGPDGRLLRGYHQHAYDGKDYIALNEDLSSWTAADTAAQITQRKWEAARVAEQLRAYL
EGECVEWLRRYLENGKETLQRADPPKTHVTHHPISDHEATLRCWALGFYPAEITLTWQRDGEDETQDTELVETRPAGDRT
FQKWAAVVVPSGEEQRYTCHVQHEGLPKPLTLRWEP
;
A
2 'polypeptide(L)'
;MIQRTPKIQVYSRHPAENGKSNFLNCYVSGFHPSDIEVDLLKNGERIEKVEHSDLSFSKDWSFYLLYYTEFTPTEKDEYA
CRVNHVTLSQPKIVKWDRDM
;
B
3 'polypeptide(L)' RRRWRRLTL C
#
loop_
_chem_comp.id
_chem_comp.type
_chem_comp.name
_chem_comp.formula
GOL non-polymer GLYCEROL 'C3 H8 O3'
MES non-polymer '2-(N-MORPHOLINO)-ETHANESULFONIC ACID' 'C6 H13 N O4 S'
TRS non-polymer 2-AMINO-2-HYDROXYMETHYL-PROPANE-1,3-DIOL 'C4 H12 N O3 1'
#
# COMPACT_ATOMS: atom_id res chain seq x y z
N GLY A 1 -1.98 -7.42 -19.45
CA GLY A 1 -3.39 -7.26 -19.01
C GLY A 1 -3.74 -5.81 -18.75
N SER A 2 -4.57 -5.57 -17.75
CA SER A 2 -4.95 -4.22 -17.35
C SER A 2 -3.87 -3.61 -16.46
N HIS A 3 -3.81 -2.28 -16.44
CA HIS A 3 -2.78 -1.56 -15.70
C HIS A 3 -3.34 -0.30 -15.01
N SER A 4 -2.62 0.19 -14.01
CA SER A 4 -3.03 1.40 -13.30
C SER A 4 -1.85 2.33 -13.05
N MET A 5 -2.15 3.62 -12.92
CA MET A 5 -1.18 4.60 -12.42
C MET A 5 -1.85 5.36 -11.30
N ARG A 6 -1.11 5.60 -10.22
CA ARG A 6 -1.64 6.28 -9.04
C ARG A 6 -0.60 7.19 -8.44
N TYR A 7 -1.04 8.39 -8.06
CA TYR A 7 -0.25 9.27 -7.23
C TYR A 7 -0.95 9.42 -5.89
N PHE A 8 -0.23 9.10 -4.82
CA PHE A 8 -0.72 9.20 -3.45
C PHE A 8 -0.04 10.36 -2.75
N HIS A 9 -0.79 11.06 -1.91
CA HIS A 9 -0.28 12.24 -1.22
C HIS A 9 -0.79 12.22 0.21
N THR A 10 0.11 12.53 1.16
CA THR A 10 -0.24 12.61 2.57
C THR A 10 0.45 13.81 3.20
N SER A 11 -0.32 14.70 3.82
CA SER A 11 0.23 15.76 4.68
C SER A 11 -0.29 15.55 6.08
N VAL A 12 0.62 15.70 7.05
CA VAL A 12 0.28 15.49 8.45
C VAL A 12 0.76 16.71 9.23
N SER A 13 -0.18 17.46 9.81
CA SER A 13 0.21 18.62 10.60
C SER A 13 0.83 18.20 11.93
N ARG A 14 1.62 19.10 12.50
CA ARG A 14 2.32 18.84 13.75
C ARG A 14 2.51 20.17 14.48
N PRO A 15 1.40 20.75 14.99
CA PRO A 15 1.48 22.07 15.61
C PRO A 15 2.54 22.14 16.70
N GLY A 16 3.38 23.17 16.63
CA GLY A 16 4.45 23.38 17.61
C GLY A 16 5.72 22.64 17.20
N ARG A 17 5.64 21.88 16.11
CA ARG A 17 6.80 21.15 15.58
C ARG A 17 6.99 21.48 14.10
N GLY A 18 6.77 22.75 13.77
CA GLY A 18 6.96 23.26 12.42
C GLY A 18 5.75 23.04 11.52
N GLU A 19 6.01 23.03 10.22
CA GLU A 19 4.96 22.92 9.20
C GLU A 19 4.64 21.45 8.89
N PRO A 20 3.46 21.17 8.30
CA PRO A 20 3.10 19.78 8.01
C PRO A 20 4.12 19.04 7.16
N ARG A 21 4.30 17.76 7.45
CA ARG A 21 5.16 16.92 6.63
C ARG A 21 4.36 16.41 5.45
N PHE A 22 4.95 16.50 4.26
CA PHE A 22 4.31 16.11 3.01
C PHE A 22 5.11 14.99 2.33
N ILE A 23 4.43 13.87 2.05
CA ILE A 23 5.04 12.72 1.37
C ILE A 23 4.13 12.31 0.21
N THR A 24 4.69 12.21 -0.97
CA THR A 24 3.94 11.73 -2.13
C THR A 24 4.74 10.67 -2.85
N VAL A 25 4.03 9.63 -3.29
CA VAL A 25 4.60 8.52 -4.04
C VAL A 25 3.76 8.23 -5.27
N GLY A 26 4.41 7.80 -6.34
CA GLY A 26 3.73 7.36 -7.55
C GLY A 26 3.99 5.89 -7.80
N TYR A 27 2.96 5.21 -8.28
CA TYR A 27 3.01 3.78 -8.60
C TYR A 27 2.47 3.55 -10.01
N VAL A 28 3.06 2.57 -10.70
CA VAL A 28 2.40 1.95 -11.84
C VAL A 28 2.16 0.51 -11.39
N ASP A 29 0.90 0.07 -11.44
CA ASP A 29 0.52 -1.20 -10.82
C ASP A 29 1.16 -1.24 -9.43
N ASP A 30 1.78 -2.35 -9.04
CA ASP A 30 2.39 -2.45 -7.71
C ASP A 30 3.87 -2.07 -7.64
N THR A 31 4.30 -1.23 -8.57
CA THR A 31 5.68 -0.80 -8.66
C THR A 31 5.81 0.68 -8.33
N LEU A 32 6.46 0.98 -7.22
CA LEU A 32 6.82 2.35 -6.87
C LEU A 32 7.77 2.91 -7.91
N PHE A 33 7.51 4.12 -8.40
CA PHE A 33 8.43 4.70 -9.40
C PHE A 33 8.95 6.11 -9.10
N VAL A 34 8.22 6.88 -8.28
CA VAL A 34 8.69 8.21 -7.88
C VAL A 34 8.32 8.50 -6.43
N ARG A 35 9.16 9.29 -5.75
CA ARG A 35 8.86 9.71 -4.38
C ARG A 35 9.30 11.15 -4.13
N PHE A 36 8.64 11.80 -3.17
CA PHE A 36 9.01 13.13 -2.70
C PHE A 36 8.66 13.21 -1.22
N ASP A 37 9.62 13.67 -0.41
CA ASP A 37 9.42 13.85 1.03
C ASP A 37 9.91 15.25 1.42
N SER A 38 9.00 16.07 1.97
CA SER A 38 9.32 17.46 2.32
C SER A 38 10.38 17.57 3.43
N ASP A 39 10.61 16.49 4.15
CA ASP A 39 11.61 16.48 5.22
C ASP A 39 12.98 15.99 4.75
N ALA A 40 13.08 15.69 3.45
CA ALA A 40 14.35 15.26 2.86
C ALA A 40 15.37 16.40 2.89
N ALA A 41 16.66 16.04 2.87
CA ALA A 41 17.77 17.00 2.95
C ALA A 41 17.60 18.14 1.96
N SER A 42 17.41 17.80 0.68
CA SER A 42 17.12 18.82 -0.34
C SER A 42 16.02 18.30 -1.27
N PRO A 43 14.74 18.55 -0.88
CA PRO A 43 13.61 17.86 -1.50
C PRO A 43 13.49 18.03 -3.02
N ARG A 44 13.58 16.91 -3.73
CA ARG A 44 13.33 16.82 -5.16
C ARG A 44 12.54 15.53 -5.34
N GLU A 45 11.74 15.43 -6.41
CA GLU A 45 11.17 14.13 -6.72
C GLU A 45 12.29 13.22 -7.21
N GLU A 46 12.35 12.01 -6.67
CA GLU A 46 13.41 11.05 -6.98
C GLU A 46 12.85 9.80 -7.67
N PRO A 47 13.60 9.25 -8.65
CA PRO A 47 13.22 7.99 -9.29
C PRO A 47 13.34 6.80 -8.34
N ARG A 48 12.48 5.81 -8.52
CA ARG A 48 12.51 4.60 -7.70
C ARG A 48 12.40 3.32 -8.54
N ALA A 49 12.45 3.50 -9.85
CA ALA A 49 12.46 2.39 -10.82
C ALA A 49 13.39 2.77 -11.97
N PRO A 50 14.09 1.78 -12.55
CA PRO A 50 15.05 2.03 -13.63
C PRO A 50 14.44 2.70 -14.86
N TRP A 51 13.21 2.30 -15.21
CA TRP A 51 12.57 2.76 -16.45
C TRP A 51 12.11 4.21 -16.45
N ILE A 52 12.16 4.85 -15.28
CA ILE A 52 11.83 6.28 -15.21
C ILE A 52 13.08 7.17 -15.21
N GLU A 53 14.24 6.55 -14.98
CA GLU A 53 15.53 7.26 -14.90
C GLU A 53 15.92 7.95 -16.21
N GLN A 54 15.46 7.41 -17.34
CA GLN A 54 15.74 7.95 -18.67
C GLN A 54 15.03 9.29 -18.95
N GLU A 55 14.05 9.63 -18.13
CA GLU A 55 13.38 10.91 -18.29
C GLU A 55 14.38 12.03 -18.01
N GLY A 56 14.33 13.07 -18.84
CA GLY A 56 15.31 14.16 -18.79
C GLY A 56 15.20 15.06 -17.57
N PRO A 57 16.17 15.98 -17.40
CA PRO A 57 16.13 16.95 -16.30
C PRO A 57 14.84 17.78 -16.29
N GLU A 58 14.26 18.02 -17.47
CA GLU A 58 13.04 18.83 -17.59
C GLU A 58 11.88 18.13 -16.89
N TYR A 59 11.82 16.81 -17.05
CA TYR A 59 10.79 15.98 -16.40
C TYR A 59 10.87 16.12 -14.88
N TRP A 60 12.07 15.95 -14.33
CA TRP A 60 12.27 16.04 -12.88
C TRP A 60 12.02 17.43 -12.31
N ASP A 61 12.39 18.45 -13.06
CA ASP A 61 12.14 19.85 -12.68
C ASP A 61 10.65 20.14 -12.54
N ARG A 62 9.89 19.75 -13.56
CA ARG A 62 8.44 19.95 -13.58
C ARG A 62 7.77 19.18 -12.44
N GLU A 63 8.17 17.91 -12.28
CA GLU A 63 7.64 17.06 -11.21
C GLU A 63 7.88 17.66 -9.82
N THR A 64 9.11 18.13 -9.60
CA THR A 64 9.49 18.72 -8.32
C THR A 64 8.70 19.99 -8.06
N GLN A 65 8.51 20.81 -9.09
CA GLN A 65 7.69 22.02 -9.00
C GLN A 65 6.26 21.69 -8.55
N ILE A 66 5.66 20.67 -9.16
CA ILE A 66 4.31 20.20 -8.77
C ILE A 66 4.30 19.73 -7.32
N CYS A 67 5.28 18.90 -6.95
CA CYS A 67 5.37 18.38 -5.59
C CYS A 67 5.43 19.49 -4.55
N LYS A 68 6.28 20.49 -4.79
CA LYS A 68 6.41 21.62 -3.87
C LYS A 68 5.14 22.47 -3.80
N ALA A 69 4.50 22.71 -4.94
CA ALA A 69 3.23 23.43 -4.99
C ALA A 69 2.11 22.68 -4.26
N LYS A 70 2.10 21.35 -4.40
CA LYS A 70 1.11 20.50 -3.73
C LYS A 70 1.32 20.50 -2.21
N ALA A 71 2.57 20.46 -1.77
CA ALA A 71 2.88 20.59 -0.34
C ALA A 71 2.28 21.89 0.21
N GLN A 72 2.46 22.97 -0.54
CA GLN A 72 1.91 24.28 -0.16
C GLN A 72 0.38 24.31 -0.14
N THR A 73 -0.27 23.83 -1.19
CA THR A 73 -1.74 23.80 -1.18
C THR A 73 -2.29 22.91 -0.04
N ASP A 74 -1.61 21.79 0.24
CA ASP A 74 -1.98 20.94 1.38
C ASP A 74 -1.95 21.70 2.72
N ARG A 75 -0.94 22.56 2.88
CA ARG A 75 -0.81 23.39 4.08
C ARG A 75 -2.02 24.32 4.22
N GLU A 76 -2.36 24.99 3.12
CA GLU A 76 -3.53 25.86 3.07
C GLU A 76 -4.82 25.07 3.35
N ASP A 77 -4.93 23.90 2.71
CA ASP A 77 -6.09 23.01 2.87
C ASP A 77 -6.27 22.52 4.32
N LEU A 78 -5.17 22.20 4.99
CA LEU A 78 -5.24 21.78 6.39
C LEU A 78 -5.80 22.92 7.27
N ARG A 79 -5.36 24.14 7.00
CA ARG A 79 -5.91 25.33 7.68
C ARG A 79 -7.41 25.50 7.39
N THR A 80 -7.78 25.34 6.11
CA THR A 80 -9.18 25.41 5.68
C THR A 80 -10.05 24.38 6.42
N LEU A 81 -9.56 23.15 6.50
CA LEU A 81 -10.30 22.06 7.16
C LEU A 81 -10.56 22.31 8.65
N LEU A 82 -9.60 22.95 9.34
CA LEU A 82 -9.83 23.36 10.72
C LEU A 82 -11.05 24.27 10.82
N ARG A 83 -11.18 25.20 9.88
CA ARG A 83 -12.34 26.08 9.84
C ARG A 83 -13.63 25.30 9.58
N TYR A 84 -13.63 24.50 8.51
CA TYR A 84 -14.81 23.72 8.09
C TYR A 84 -15.38 22.81 9.19
N TYR A 85 -14.50 22.29 10.04
CA TYR A 85 -14.91 21.35 11.09
C TYR A 85 -14.89 21.97 12.49
N ASN A 86 -14.69 23.28 12.55
CA ASN A 86 -14.69 24.03 13.82
C ASN A 86 -13.70 23.46 14.82
N GLN A 87 -12.51 23.14 14.34
CA GLN A 87 -11.48 22.48 15.15
C GLN A 87 -10.43 23.47 15.67
N SER A 88 -9.84 23.16 16.82
CA SER A 88 -8.76 23.97 17.37
C SER A 88 -7.46 23.76 16.59
N GLU A 89 -6.50 24.65 16.79
CA GLU A 89 -5.17 24.50 16.16
C GLU A 89 -4.23 23.60 16.96
N ALA A 90 -4.74 22.92 17.98
CA ALA A 90 -3.93 22.12 18.90
C ALA A 90 -3.49 20.77 18.35
N GLY A 91 -4.34 20.15 17.53
CA GLY A 91 -4.13 18.75 17.14
C GLY A 91 -3.43 18.50 15.82
N SER A 92 -2.89 17.29 15.69
CA SER A 92 -2.39 16.80 14.41
C SER A 92 -3.54 16.27 13.58
N HIS A 93 -3.57 16.68 12.31
CA HIS A 93 -4.58 16.23 11.35
C HIS A 93 -3.92 15.74 10.07
N THR A 94 -4.65 14.91 9.32
CA THR A 94 -4.11 14.26 8.14
C THR A 94 -4.97 14.58 6.91
N LEU A 95 -4.31 14.92 5.81
CA LEU A 95 -4.99 15.13 4.53
C LEU A 95 -4.37 14.21 3.49
N GLN A 96 -5.21 13.38 2.88
CA GLN A 96 -4.78 12.44 1.84
C GLN A 96 -5.50 12.71 0.52
N ASN A 97 -4.76 12.52 -0.57
CA ASN A 97 -5.27 12.67 -1.93
C ASN A 97 -4.68 11.53 -2.76
N MET A 98 -5.56 10.86 -3.51
CA MET A 98 -5.16 9.90 -4.53
C MET A 98 -5.80 10.29 -5.84
N TYR A 99 -5.03 10.21 -6.92
CA TYR A 99 -5.61 10.32 -8.26
C TYR A 99 -4.87 9.44 -9.24
N GLY A 100 -5.52 9.10 -10.34
CA GLY A 100 -4.87 8.28 -11.35
C GLY A 100 -5.86 7.64 -12.28
N CYS A 101 -5.38 6.66 -13.03
CA CYS A 101 -6.21 6.03 -14.05
C CYS A 101 -5.92 4.54 -14.19
N ASP A 102 -6.92 3.82 -14.69
CA ASP A 102 -6.81 2.42 -15.05
C ASP A 102 -6.92 2.35 -16.57
N VAL A 103 -6.13 1.47 -17.19
CA VAL A 103 -6.22 1.21 -18.62
C VAL A 103 -6.37 -0.29 -18.89
N GLY A 104 -7.04 -0.62 -20.00
CA GLY A 104 -7.22 -2.01 -20.40
C GLY A 104 -5.99 -2.55 -21.12
N PRO A 105 -6.02 -3.85 -21.49
CA PRO A 105 -4.92 -4.49 -22.21
C PRO A 105 -4.54 -3.76 -23.50
N ASP A 106 -5.51 -3.08 -24.11
CA ASP A 106 -5.28 -2.34 -25.36
C ASP A 106 -4.94 -0.86 -25.14
N GLY A 107 -4.82 -0.46 -23.87
CA GLY A 107 -4.41 0.90 -23.51
C GLY A 107 -5.52 1.93 -23.36
N ARG A 108 -6.77 1.51 -23.59
CA ARG A 108 -7.91 2.42 -23.44
CA ARG A 108 -7.93 2.40 -23.43
C ARG A 108 -8.20 2.72 -21.97
N LEU A 109 -8.71 3.92 -21.69
CA LEU A 109 -9.10 4.30 -20.34
C LEU A 109 -10.23 3.39 -19.84
N LEU A 110 -10.01 2.78 -18.68
CA LEU A 110 -11.07 2.03 -18.01
C LEU A 110 -11.82 2.93 -17.03
N ARG A 111 -11.07 3.73 -16.28
CA ARG A 111 -11.61 4.48 -15.14
C ARG A 111 -10.58 5.52 -14.73
N GLY A 112 -11.05 6.70 -14.35
CA GLY A 112 -10.20 7.71 -13.70
C GLY A 112 -10.61 7.91 -12.25
N TYR A 113 -9.68 8.41 -11.43
CA TYR A 113 -9.93 8.59 -9.98
C TYR A 113 -9.36 9.92 -9.52
N HIS A 114 -10.03 10.55 -8.55
CA HIS A 114 -9.50 11.73 -7.88
C HIS A 114 -10.28 11.89 -6.59
N GLN A 115 -9.64 11.58 -5.47
CA GLN A 115 -10.36 11.59 -4.19
C GLN A 115 -9.49 12.04 -3.01
N HIS A 116 -10.18 12.58 -2.00
CA HIS A 116 -9.55 13.09 -0.78
C HIS A 116 -10.15 12.45 0.47
N ALA A 117 -9.32 12.40 1.51
CA ALA A 117 -9.73 11.97 2.84
C ALA A 117 -9.15 12.91 3.88
N TYR A 118 -9.93 13.19 4.92
CA TYR A 118 -9.45 14.01 6.03
C TYR A 118 -9.52 13.19 7.30
N ASP A 119 -8.41 13.11 8.01
CA ASP A 119 -8.33 12.33 9.24
C ASP A 119 -8.81 10.89 9.04
N GLY A 120 -8.42 10.31 7.91
CA GLY A 120 -8.68 8.91 7.59
C GLY A 120 -10.09 8.58 7.14
N LYS A 121 -10.92 9.61 6.96
CA LYS A 121 -12.29 9.40 6.49
C LYS A 121 -12.53 10.07 5.14
N ASP A 122 -13.37 9.44 4.30
CA ASP A 122 -13.77 10.00 3.02
C ASP A 122 -14.16 11.47 3.16
N TYR A 123 -13.67 12.29 2.24
CA TYR A 123 -13.98 13.72 2.26
C TYR A 123 -14.74 14.08 0.98
N ILE A 124 -14.04 14.07 -0.15
CA ILE A 124 -14.71 14.31 -1.44
C ILE A 124 -14.07 13.43 -2.51
N ALA A 125 -14.89 12.98 -3.46
CA ALA A 125 -14.41 12.13 -4.54
C ALA A 125 -15.04 12.52 -5.87
N LEU A 126 -14.22 12.53 -6.92
CA LEU A 126 -14.74 12.64 -8.27
C LEU A 126 -15.43 11.34 -8.62
N ASN A 127 -16.67 11.42 -9.11
CA ASN A 127 -17.39 10.22 -9.49
C ASN A 127 -16.82 9.62 -10.77
N GLU A 128 -17.21 8.37 -11.07
CA GLU A 128 -16.70 7.67 -12.23
C GLU A 128 -16.96 8.42 -13.55
N ASP A 129 -18.05 9.19 -13.58
CA ASP A 129 -18.37 10.01 -14.76
C ASP A 129 -17.34 11.12 -15.04
N LEU A 130 -16.41 11.34 -14.10
CA LEU A 130 -15.41 12.41 -14.20
C LEU A 130 -16.04 13.78 -14.44
N SER A 131 -17.27 13.95 -13.93
CA SER A 131 -18.03 15.17 -14.16
CA SER A 131 -18.06 15.14 -14.17
C SER A 131 -18.77 15.64 -12.91
N SER A 132 -19.09 14.72 -12.01
CA SER A 132 -19.80 15.06 -10.77
C SER A 132 -19.07 14.61 -9.50
N TRP A 133 -19.53 15.09 -8.35
CA TRP A 133 -18.84 14.87 -7.07
C TRP A 133 -19.68 14.11 -6.05
N THR A 134 -18.99 13.35 -5.20
CA THR A 134 -19.58 12.81 -3.97
C THR A 134 -18.87 13.45 -2.79
N ALA A 135 -19.62 14.26 -2.04
CA ALA A 135 -19.13 14.90 -0.83
C ALA A 135 -19.65 14.13 0.39
N ALA A 136 -18.75 13.80 1.32
CA ALA A 136 -19.09 12.94 2.45
C ALA A 136 -19.93 13.60 3.55
N ASP A 137 -19.88 14.93 3.62
CA ASP A 137 -20.53 15.68 4.69
C ASP A 137 -20.73 17.14 4.28
N THR A 138 -21.29 17.96 5.16
CA THR A 138 -21.55 19.37 4.82
C THR A 138 -20.29 20.23 4.63
N ALA A 139 -19.18 19.82 5.25
CA ALA A 139 -17.89 20.46 5.02
C ALA A 139 -17.44 20.22 3.59
N ALA A 140 -17.39 18.94 3.19
CA ALA A 140 -17.05 18.57 1.82
C ALA A 140 -17.98 19.23 0.79
N GLN A 141 -19.23 19.46 1.16
CA GLN A 141 -20.16 20.19 0.29
C GLN A 141 -19.69 21.62 -0.02
N ILE A 142 -19.00 22.25 0.93
CA ILE A 142 -18.44 23.58 0.70
C ILE A 142 -17.36 23.52 -0.40
N THR A 143 -16.49 22.51 -0.31
CA THR A 143 -15.50 22.28 -1.35
C THR A 143 -16.19 22.01 -2.69
N GLN A 144 -17.22 21.15 -2.65
CA GLN A 144 -17.96 20.80 -3.87
C GLN A 144 -18.47 22.04 -4.59
N ARG A 145 -19.10 22.95 -3.83
CA ARG A 145 -19.62 24.20 -4.40
C ARG A 145 -18.55 25.04 -5.08
N LYS A 146 -17.40 25.17 -4.41
CA LYS A 146 -16.25 25.89 -4.98
C LYS A 146 -15.75 25.23 -6.26
N TRP A 147 -15.65 23.90 -6.23
CA TRP A 147 -15.12 23.14 -7.37
C TRP A 147 -16.09 23.08 -8.54
N GLU A 148 -17.39 23.07 -8.24
CA GLU A 148 -18.41 23.20 -9.29
C GLU A 148 -18.37 24.59 -9.92
N ALA A 149 -18.23 25.62 -9.10
CA ALA A 149 -18.12 27.00 -9.60
C ALA A 149 -16.92 27.17 -10.53
N ALA A 150 -15.80 26.53 -10.19
CA ALA A 150 -14.56 26.68 -10.96
C ALA A 150 -14.40 25.64 -12.07
N ARG A 151 -15.41 24.78 -12.23
CA ARG A 151 -15.41 23.71 -13.24
C ARG A 151 -14.15 22.84 -13.14
N VAL A 152 -13.85 22.46 -11.91
CA VAL A 152 -12.68 21.63 -11.60
C VAL A 152 -12.79 20.24 -12.25
N ALA A 153 -13.97 19.64 -12.19
CA ALA A 153 -14.19 18.29 -12.75
C ALA A 153 -13.81 18.21 -14.22
N GLU A 154 -14.12 19.25 -14.99
CA GLU A 154 -13.78 19.32 -16.41
CA GLU A 154 -13.77 19.30 -16.41
C GLU A 154 -12.26 19.28 -16.61
N GLN A 155 -11.53 20.01 -15.77
CA GLN A 155 -10.08 20.02 -15.80
C GLN A 155 -9.53 18.62 -15.50
N LEU A 156 -10.11 17.97 -14.49
CA LEU A 156 -9.66 16.63 -14.09
C LEU A 156 -9.96 15.60 -15.16
N ARG A 157 -11.14 15.68 -15.77
CA ARG A 157 -11.50 14.80 -16.88
C ARG A 157 -10.48 14.90 -18.00
N ALA A 158 -10.09 16.13 -18.34
CA ALA A 158 -9.09 16.37 -19.39
C ALA A 158 -7.76 15.70 -19.05
N TYR A 159 -7.30 15.85 -17.80
CA TYR A 159 -6.05 15.24 -17.37
C TYR A 159 -6.13 13.71 -17.38
N LEU A 160 -7.19 13.17 -16.77
CA LEU A 160 -7.32 11.72 -16.59
C LEU A 160 -7.50 10.95 -17.90
N GLU A 161 -8.27 11.52 -18.84
CA GLU A 161 -8.46 10.93 -20.17
C GLU A 161 -7.28 11.15 -21.10
N GLY A 162 -6.46 12.16 -20.81
CA GLY A 162 -5.37 12.57 -21.70
C GLY A 162 -4.02 12.15 -21.14
N GLU A 163 -3.38 13.07 -20.43
CA GLU A 163 -2.02 12.85 -19.91
C GLU A 163 -1.87 11.60 -19.05
N CYS A 164 -2.84 11.32 -18.17
CA CYS A 164 -2.75 10.13 -17.31
C CYS A 164 -2.60 8.86 -18.14
N VAL A 165 -3.48 8.69 -19.11
CA VAL A 165 -3.48 7.50 -19.98
C VAL A 165 -2.21 7.46 -20.83
N GLU A 166 -1.87 8.58 -21.43
CA GLU A 166 -0.72 8.68 -22.35
C GLU A 166 0.62 8.42 -21.67
N TRP A 167 0.83 9.04 -20.50
CA TRP A 167 2.04 8.80 -19.74
C TRP A 167 2.10 7.38 -19.15
N LEU A 168 0.95 6.84 -18.74
CA LEU A 168 0.91 5.44 -18.32
C LEU A 168 1.36 4.50 -19.46
N ARG A 169 0.84 4.71 -20.65
CA ARG A 169 1.22 3.97 -21.87
CA ARG A 169 1.22 3.90 -21.80
C ARG A 169 2.78 4.04 -22.09
N ARG A 170 3.27 5.24 -21.97
CA ARG A 170 4.71 5.48 -22.13
C ARG A 170 5.52 4.66 -21.10
N TYR A 171 5.13 4.75 -19.83
CA TYR A 171 5.83 4.02 -18.75
C TYR A 171 5.76 2.50 -18.96
N LEU A 172 4.60 2.01 -19.39
CA LEU A 172 4.42 0.58 -19.64
C LEU A 172 5.34 0.08 -20.74
N GLU A 173 5.55 0.90 -21.77
CA GLU A 173 6.48 0.57 -22.85
C GLU A 173 7.93 0.61 -22.38
N ASN A 174 8.30 1.71 -21.71
CA ASN A 174 9.66 1.87 -21.21
C ASN A 174 10.05 0.85 -20.14
N GLY A 175 9.08 0.45 -19.33
CA GLY A 175 9.29 -0.59 -18.32
C GLY A 175 8.74 -1.95 -18.69
N LYS A 176 8.66 -2.24 -19.99
CA LYS A 176 8.01 -3.49 -20.45
C LYS A 176 8.66 -4.77 -19.95
N GLU A 177 9.95 -4.72 -19.63
CA GLU A 177 10.67 -5.88 -19.06
C GLU A 177 10.06 -6.36 -17.74
N THR A 178 9.61 -5.41 -16.92
CA THR A 178 9.16 -5.69 -15.55
C THR A 178 7.67 -5.44 -15.35
N LEU A 179 7.18 -4.31 -15.85
CA LEU A 179 5.78 -3.93 -15.68
C LEU A 179 4.86 -4.88 -16.44
N GLN A 180 5.36 -5.43 -17.54
CA GLN A 180 4.57 -6.35 -18.36
C GLN A 180 5.00 -7.81 -18.17
N ARG A 181 5.60 -8.09 -17.01
CA ARG A 181 5.93 -9.44 -16.61
C ARG A 181 5.21 -9.79 -15.30
N ALA A 182 4.43 -10.87 -15.35
CA ALA A 182 3.83 -11.42 -14.15
C ALA A 182 4.70 -12.56 -13.65
N ASP A 183 5.03 -12.54 -12.36
CA ASP A 183 5.79 -13.63 -11.74
C ASP A 183 4.80 -14.48 -10.94
N PRO A 184 4.68 -15.76 -11.31
CA PRO A 184 3.72 -16.63 -10.62
C PRO A 184 4.18 -16.97 -9.21
N PRO A 185 3.23 -17.28 -8.30
CA PRO A 185 3.62 -17.65 -6.95
C PRO A 185 4.31 -19.01 -6.93
N LYS A 186 5.30 -19.14 -6.06
CA LYS A 186 5.86 -20.43 -5.68
C LYS A 186 5.02 -20.89 -4.48
N THR A 187 4.45 -22.09 -4.57
CA THR A 187 3.46 -22.53 -3.57
C THR A 187 3.84 -23.82 -2.84
N HIS A 188 3.42 -23.90 -1.58
CA HIS A 188 3.55 -25.13 -0.80
C HIS A 188 2.62 -25.10 0.41
N VAL A 189 2.34 -26.28 0.94
CA VAL A 189 1.53 -26.42 2.14
C VAL A 189 2.40 -26.96 3.28
N THR A 190 2.30 -26.32 4.43
CA THR A 190 2.96 -26.78 5.64
C THR A 190 1.91 -27.30 6.62
N HIS A 191 2.37 -28.19 7.51
CA HIS A 191 1.50 -28.85 8.48
C HIS A 191 2.14 -28.67 9.85
N HIS A 192 1.35 -28.18 10.81
CA HIS A 192 1.81 -28.04 12.20
C HIS A 192 0.75 -28.57 13.17
N PRO A 193 1.05 -29.71 13.84
CA PRO A 193 0.16 -30.19 14.90
C PRO A 193 -0.02 -29.15 16.00
N ILE A 194 -1.27 -28.89 16.36
CA ILE A 194 -1.61 -28.02 17.48
C ILE A 194 -1.74 -28.88 18.72
N SER A 195 -2.39 -30.04 18.55
CA SER A 195 -2.64 -30.97 19.63
C SER A 195 -2.77 -32.37 19.07
N ASP A 196 -3.24 -33.30 19.90
CA ASP A 196 -3.49 -34.67 19.50
C ASP A 196 -4.63 -34.84 18.50
N HIS A 197 -5.56 -33.89 18.46
CA HIS A 197 -6.73 -33.99 17.58
C HIS A 197 -6.91 -32.83 16.58
N GLU A 198 -5.98 -31.89 16.59
CA GLU A 198 -6.02 -30.75 15.66
C GLU A 198 -4.67 -30.40 15.07
N ALA A 199 -4.68 -29.94 13.82
CA ALA A 199 -3.48 -29.53 13.11
C ALA A 199 -3.76 -28.30 12.23
N THR A 200 -2.73 -27.48 12.04
CA THR A 200 -2.81 -26.32 11.14
C THR A 200 -2.26 -26.69 9.77
N LEU A 201 -3.07 -26.47 8.74
CA LEU A 201 -2.56 -26.49 7.37
C LEU A 201 -2.43 -25.06 6.89
N ARG A 202 -1.24 -24.67 6.45
CA ARG A 202 -0.98 -23.32 5.97
C ARG A 202 -0.50 -23.37 4.52
N CYS A 203 -1.25 -22.70 3.65
CA CYS A 203 -0.95 -22.65 2.23
C CYS A 203 -0.20 -21.37 1.90
N TRP A 204 1.00 -21.52 1.36
CA TRP A 204 1.91 -20.41 1.10
C TRP A 204 1.97 -20.03 -0.38
N ALA A 205 2.00 -18.72 -0.64
CA ALA A 205 2.32 -18.19 -1.97
C ALA A 205 3.45 -17.17 -1.80
N LEU A 206 4.53 -17.38 -2.55
CA LEU A 206 5.75 -16.58 -2.43
C LEU A 206 6.28 -16.14 -3.79
N GLY A 207 6.93 -14.98 -3.81
CA GLY A 207 7.67 -14.51 -4.98
C GLY A 207 6.83 -14.08 -6.16
N PHE A 208 5.59 -13.67 -5.88
CA PHE A 208 4.66 -13.33 -6.97
C PHE A 208 4.54 -11.83 -7.21
N TYR A 209 4.21 -11.50 -8.47
CA TYR A 209 3.96 -10.15 -8.92
C TYR A 209 2.98 -10.22 -10.12
N PRO A 210 1.92 -9.40 -10.12
CA PRO A 210 1.56 -8.34 -9.16
C PRO A 210 0.98 -8.90 -7.85
N ALA A 211 0.61 -8.00 -6.93
CA ALA A 211 0.16 -8.39 -5.60
C ALA A 211 -1.18 -9.13 -5.56
N GLU A 212 -2.05 -8.83 -6.52
CA GLU A 212 -3.37 -9.45 -6.56
C GLU A 212 -3.25 -10.97 -6.67
N ILE A 213 -3.97 -11.66 -5.78
CA ILE A 213 -3.91 -13.12 -5.69
C ILE A 213 -5.14 -13.61 -4.90
N THR A 214 -5.59 -14.83 -5.19
CA THR A 214 -6.61 -15.44 -4.37
C THR A 214 -6.12 -16.79 -3.86
N LEU A 215 -6.12 -16.96 -2.55
CA LEU A 215 -5.80 -18.23 -1.88
C LEU A 215 -7.02 -18.69 -1.11
N THR A 216 -7.50 -19.90 -1.41
CA THR A 216 -8.69 -20.42 -0.75
C THR A 216 -8.45 -21.86 -0.36
N TRP A 217 -8.98 -22.24 0.81
CA TRP A 217 -8.97 -23.62 1.27
C TRP A 217 -10.35 -24.22 1.06
N GLN A 218 -10.38 -25.42 0.51
CA GLN A 218 -11.60 -26.22 0.43
C GLN A 218 -11.53 -27.45 1.32
N ARG A 219 -12.65 -27.79 1.94
CA ARG A 219 -12.83 -29.05 2.66
C ARG A 219 -13.94 -29.83 1.94
N ASP A 220 -13.58 -31.00 1.40
CA ASP A 220 -14.50 -31.82 0.59
C ASP A 220 -15.18 -31.00 -0.54
N GLY A 221 -14.38 -30.09 -1.09
CA GLY A 221 -14.82 -29.26 -2.18
C GLY A 221 -15.50 -27.97 -1.83
N GLU A 222 -15.76 -27.75 -0.54
CA GLU A 222 -16.57 -26.62 -0.10
CA GLU A 222 -16.57 -26.62 -0.10
C GLU A 222 -15.51 -25.60 0.28
N ASP A 223 -15.62 -24.40 -0.28
CA ASP A 223 -15.07 -23.24 0.32
C ASP A 223 -15.33 -23.08 1.81
N GLU A 224 -14.28 -22.82 2.48
CA GLU A 224 -14.21 -22.61 3.92
C GLU A 224 -14.01 -21.13 4.22
N THR A 225 -14.78 -20.33 3.56
CA THR A 225 -14.66 -18.92 3.72
C THR A 225 -14.51 -18.46 5.15
N GLN A 226 -15.39 -18.94 5.99
CA GLN A 226 -15.63 -18.37 7.28
C GLN A 226 -14.73 -18.93 8.34
N ASP A 227 -13.93 -19.91 8.01
CA ASP A 227 -13.03 -20.62 8.91
C ASP A 227 -11.55 -20.49 8.50
N THR A 228 -11.27 -19.73 7.44
CA THR A 228 -9.90 -19.56 6.95
C THR A 228 -9.24 -18.29 7.50
N GLU A 229 -8.04 -18.44 8.06
CA GLU A 229 -7.23 -17.30 8.47
C GLU A 229 -6.33 -16.85 7.33
N LEU A 230 -6.54 -15.62 6.88
CA LEU A 230 -5.88 -15.09 5.69
C LEU A 230 -5.11 -13.83 6.06
N VAL A 231 -3.78 -13.85 5.89
CA VAL A 231 -2.98 -12.66 6.19
C VAL A 231 -3.00 -11.68 5.02
N GLU A 232 -2.81 -10.41 5.35
CA GLU A 232 -2.68 -9.38 4.33
CA GLU A 232 -2.68 -9.37 4.34
C GLU A 232 -1.48 -9.67 3.46
N THR A 233 -1.66 -9.51 2.16
CA THR A 233 -0.58 -9.67 1.19
C THR A 233 0.53 -8.68 1.55
N ARG A 234 1.76 -9.17 1.62
CA ARG A 234 2.88 -8.38 2.14
C ARG A 234 4.07 -8.33 1.16
N PRO A 235 4.81 -7.20 1.16
CA PRO A 235 5.95 -7.06 0.26
C PRO A 235 7.18 -7.81 0.75
N ALA A 236 7.86 -8.52 -0.15
CA ALA A 236 9.09 -9.20 0.21
C ALA A 236 10.30 -8.24 0.22
N GLY A 237 10.18 -7.14 -0.52
CA GLY A 237 11.25 -6.14 -0.68
C GLY A 237 12.11 -6.30 -1.93
N ASP A 238 11.78 -7.27 -2.76
CA ASP A 238 12.48 -7.50 -4.03
C ASP A 238 11.53 -7.32 -5.21
N ARG A 239 10.47 -6.54 -4.97
CA ARG A 239 9.33 -6.28 -5.89
C ARG A 239 8.24 -7.35 -5.87
N THR A 240 8.45 -8.43 -5.13
CA THR A 240 7.47 -9.53 -5.13
C THR A 240 6.69 -9.48 -3.83
N PHE A 241 5.65 -10.31 -3.76
CA PHE A 241 4.75 -10.33 -2.62
C PHE A 241 4.63 -11.74 -2.03
N GLN A 242 4.06 -11.81 -0.82
CA GLN A 242 3.84 -13.06 -0.12
C GLN A 242 2.46 -13.05 0.51
N LYS A 243 1.89 -14.24 0.72
CA LYS A 243 0.60 -14.39 1.38
C LYS A 243 0.45 -15.83 1.82
N TRP A 244 -0.28 -16.02 2.92
CA TRP A 244 -0.70 -17.35 3.29
C TRP A 244 -2.15 -17.40 3.76
N ALA A 245 -2.72 -18.61 3.70
CA ALA A 245 -4.05 -18.90 4.19
C ALA A 245 -3.95 -20.16 5.04
N ALA A 246 -4.54 -20.13 6.23
CA ALA A 246 -4.47 -21.26 7.15
C ALA A 246 -5.84 -21.75 7.60
N VAL A 247 -5.93 -23.06 7.81
CA VAL A 247 -7.11 -23.68 8.41
C VAL A 247 -6.70 -24.64 9.51
N VAL A 248 -7.54 -24.73 10.53
CA VAL A 248 -7.38 -25.72 11.59
C VAL A 248 -8.23 -26.91 11.20
N VAL A 249 -7.59 -28.07 11.10
CA VAL A 249 -8.24 -29.27 10.61
C VAL A 249 -8.24 -30.36 11.69
N PRO A 250 -9.30 -31.21 11.72
CA PRO A 250 -9.25 -32.36 12.62
C PRO A 250 -8.18 -33.34 12.17
N SER A 251 -7.36 -33.83 13.09
CA SER A 251 -6.27 -34.75 12.76
C SER A 251 -6.79 -36.01 12.09
N GLY A 252 -6.08 -36.43 11.04
CA GLY A 252 -6.51 -37.56 10.22
C GLY A 252 -7.37 -37.15 9.03
N GLU A 253 -7.75 -35.87 8.96
CA GLU A 253 -8.61 -35.37 7.88
C GLU A 253 -7.90 -34.43 6.88
N GLU A 254 -6.57 -34.37 6.97
CA GLU A 254 -5.76 -33.46 6.15
C GLU A 254 -6.02 -33.58 4.65
N GLN A 255 -6.20 -34.82 4.18
CA GLN A 255 -6.32 -35.05 2.74
C GLN A 255 -7.66 -34.62 2.16
N ARG A 256 -8.60 -34.26 3.04
CA ARG A 256 -9.88 -33.72 2.61
C ARG A 256 -9.80 -32.23 2.28
N TYR A 257 -8.63 -31.64 2.55
CA TYR A 257 -8.40 -30.22 2.35
C TYR A 257 -7.51 -29.95 1.14
N THR A 258 -7.93 -28.98 0.34
CA THR A 258 -7.18 -28.56 -0.84
C THR A 258 -7.03 -27.04 -0.88
N CYS A 259 -5.82 -26.59 -1.18
CA CYS A 259 -5.58 -25.17 -1.35
C CYS A 259 -5.68 -24.80 -2.83
N HIS A 260 -6.33 -23.67 -3.10
CA HIS A 260 -6.54 -23.23 -4.46
C HIS A 260 -5.95 -21.85 -4.66
N VAL A 261 -5.13 -21.72 -5.70
CA VAL A 261 -4.36 -20.51 -5.96
C VAL A 261 -4.68 -19.93 -7.33
N GLN A 262 -5.09 -18.67 -7.35
CA GLN A 262 -5.33 -17.94 -8.60
C GLN A 262 -4.41 -16.73 -8.65
N HIS A 263 -3.71 -16.57 -9.77
CA HIS A 263 -2.81 -15.45 -9.99
C HIS A 263 -2.66 -15.27 -11.48
N GLU A 264 -2.51 -14.03 -11.94
CA GLU A 264 -2.44 -13.79 -13.38
C GLU A 264 -1.21 -14.42 -14.03
N GLY A 265 -0.16 -14.65 -13.22
CA GLY A 265 1.05 -15.35 -13.68
C GLY A 265 0.86 -16.83 -13.94
N LEU A 266 -0.29 -17.37 -13.53
CA LEU A 266 -0.61 -18.79 -13.70
C LEU A 266 -1.56 -19.01 -14.89
N PRO A 267 -1.23 -19.97 -15.79
CA PRO A 267 -2.09 -20.33 -16.94
C PRO A 267 -3.48 -20.82 -16.49
N LYS A 268 -3.50 -21.61 -15.41
CA LYS A 268 -4.75 -22.00 -14.78
C LYS A 268 -4.56 -22.09 -13.27
N PRO A 269 -5.67 -21.97 -12.50
CA PRO A 269 -5.57 -22.08 -11.04
C PRO A 269 -4.88 -23.36 -10.59
N LEU A 270 -4.06 -23.27 -9.54
CA LEU A 270 -3.38 -24.42 -8.96
C LEU A 270 -4.19 -25.02 -7.83
N THR A 271 -4.18 -26.35 -7.75
CA THR A 271 -4.69 -27.06 -6.57
C THR A 271 -3.50 -27.77 -5.90
N LEU A 272 -3.34 -27.54 -4.59
CA LEU A 272 -2.41 -28.28 -3.79
C LEU A 272 -2.90 -28.85 -2.46
N ARG A 273 -2.16 -29.84 -1.97
CA ARG A 273 -2.51 -30.48 -0.71
CA ARG A 273 -2.50 -30.47 -0.70
C ARG A 273 -1.24 -30.62 0.14
N TRP A 274 -1.40 -30.95 1.41
CA TRP A 274 -0.25 -31.27 2.22
C TRP A 274 0.34 -32.58 1.73
N GLU A 275 1.66 -32.59 1.53
CA GLU A 275 2.37 -33.78 1.06
C GLU A 275 3.29 -34.27 2.18
N PRO A 276 2.81 -35.25 2.98
CA PRO A 276 3.55 -35.79 4.13
C PRO A 276 4.90 -36.40 3.75
N MET B 1 -12.06 11.51 16.68
CA MET B 1 -11.32 11.04 15.48
CA MET B 1 -11.22 11.04 15.54
C MET B 1 -11.19 9.52 15.47
N ILE B 2 -11.29 8.96 14.27
CA ILE B 2 -11.15 7.51 14.10
C ILE B 2 -9.70 7.07 14.26
N GLN B 3 -9.51 5.92 14.90
CA GLN B 3 -8.18 5.34 15.05
C GLN B 3 -8.23 3.89 14.64
N ARG B 4 -7.22 3.45 13.90
CA ARG B 4 -7.10 2.06 13.47
CA ARG B 4 -7.10 2.06 13.49
C ARG B 4 -5.75 1.50 13.90
N THR B 5 -5.78 0.37 14.60
CA THR B 5 -4.55 -0.25 15.12
C THR B 5 -3.78 -1.02 14.04
N PRO B 6 -2.44 -0.92 14.03
CA PRO B 6 -1.69 -1.61 12.98
C PRO B 6 -1.79 -3.13 13.03
N LYS B 7 -1.95 -3.73 11.86
CA LYS B 7 -1.66 -5.14 11.68
C LYS B 7 -0.14 -5.22 11.56
N ILE B 8 0.44 -6.29 12.07
CA ILE B 8 1.90 -6.41 12.14
C ILE B 8 2.34 -7.78 11.66
N GLN B 9 3.20 -7.82 10.66
CA GLN B 9 3.80 -9.07 10.23
C GLN B 9 5.32 -8.99 10.25
N VAL B 10 5.95 -9.98 10.87
CA VAL B 10 7.40 -10.10 10.91
C VAL B 10 7.81 -11.37 10.17
N TYR B 11 8.72 -11.22 9.22
CA TYR B 11 9.05 -12.29 8.26
C TYR B 11 10.34 -12.00 7.50
N SER B 12 10.86 -13.00 6.81
CA SER B 12 12.06 -12.83 6.00
C SER B 12 11.72 -12.73 4.52
N ARG B 13 12.58 -12.06 3.77
CA ARG B 13 12.38 -11.90 2.32
C ARG B 13 12.43 -13.25 1.60
N HIS B 14 13.39 -14.09 1.97
CA HIS B 14 13.57 -15.43 1.41
C HIS B 14 13.35 -16.45 2.52
N PRO B 15 13.03 -17.71 2.17
CA PRO B 15 12.94 -18.73 3.21
C PRO B 15 14.25 -18.77 4.01
N ALA B 16 14.13 -18.84 5.34
CA ALA B 16 15.29 -18.75 6.22
C ALA B 16 16.19 -19.99 6.12
N GLU B 17 17.48 -19.74 5.88
CA GLU B 17 18.50 -20.77 5.88
C GLU B 17 19.62 -20.30 6.81
N ASN B 18 19.87 -21.05 7.88
CA ASN B 18 20.88 -20.67 8.87
C ASN B 18 22.26 -20.43 8.24
N GLY B 19 22.84 -19.27 8.53
CA GLY B 19 24.14 -18.90 7.99
C GLY B 19 24.12 -18.24 6.63
N LYS B 20 22.91 -18.01 6.09
CA LYS B 20 22.75 -17.37 4.79
C LYS B 20 22.12 -15.98 4.94
N SER B 21 22.73 -14.99 4.30
CA SER B 21 22.25 -13.61 4.38
C SER B 21 20.84 -13.48 3.80
N ASN B 22 20.02 -12.66 4.46
CA ASN B 22 18.60 -12.53 4.15
C ASN B 22 18.17 -11.10 4.48
N PHE B 23 16.87 -10.83 4.44
CA PHE B 23 16.35 -9.58 4.95
C PHE B 23 15.23 -9.88 5.94
N LEU B 24 15.28 -9.22 7.09
CA LEU B 24 14.20 -9.28 8.08
C LEU B 24 13.26 -8.12 7.83
N ASN B 25 11.98 -8.43 7.70
CA ASN B 25 10.95 -7.46 7.38
C ASN B 25 9.96 -7.31 8.52
N CYS B 26 9.52 -6.09 8.78
CA CYS B 26 8.34 -5.85 9.59
C CYS B 26 7.41 -4.96 8.79
N TYR B 27 6.27 -5.53 8.44
CA TYR B 27 5.26 -4.85 7.65
C TYR B 27 4.12 -4.46 8.56
N VAL B 28 3.92 -3.16 8.68
CA VAL B 28 2.80 -2.63 9.45
C VAL B 28 1.78 -2.04 8.47
N SER B 29 0.51 -2.38 8.67
CA SER B 29 -0.54 -1.97 7.74
C SER B 29 -1.89 -1.75 8.42
N GLY B 30 -2.78 -1.07 7.71
CA GLY B 30 -4.17 -0.91 8.17
C GLY B 30 -4.33 0.07 9.31
N PHE B 31 -3.36 0.96 9.51
CA PHE B 31 -3.38 1.87 10.66
C PHE B 31 -3.73 3.31 10.31
N HIS B 32 -4.30 3.99 11.31
CA HIS B 32 -4.48 5.44 11.31
C HIS B 32 -4.54 5.92 12.77
N PRO B 33 -3.93 7.09 13.08
CA PRO B 33 -3.13 7.98 12.23
C PRO B 33 -1.80 7.37 11.80
N SER B 34 -1.04 8.13 11.02
CA SER B 34 0.18 7.64 10.38
C SER B 34 1.39 7.60 11.32
N ASP B 35 1.33 8.35 12.42
CA ASP B 35 2.41 8.35 13.41
C ASP B 35 2.58 6.94 13.94
N ILE B 36 3.77 6.38 13.76
CA ILE B 36 4.07 5.04 14.24
C ILE B 36 5.57 4.92 14.51
N GLU B 37 5.92 4.07 15.47
CA GLU B 37 7.30 3.81 15.82
C GLU B 37 7.52 2.32 15.71
N VAL B 38 8.56 1.92 14.97
CA VAL B 38 8.83 0.51 14.70
C VAL B 38 10.31 0.24 14.90
N ASP B 39 10.62 -0.75 15.76
CA ASP B 39 11.98 -1.24 15.95
C ASP B 39 12.06 -2.69 15.53
N LEU B 40 13.20 -3.08 14.97
CA LEU B 40 13.52 -4.49 14.78
C LEU B 40 14.49 -4.88 15.89
N LEU B 41 14.25 -6.04 16.49
CA LEU B 41 15.03 -6.47 17.65
C LEU B 41 15.80 -7.75 17.36
N LYS B 42 17.05 -7.79 17.82
CA LYS B 42 17.86 -8.99 17.81
C LYS B 42 18.17 -9.35 19.26
N ASN B 43 17.67 -10.51 19.69
CA ASN B 43 17.78 -10.95 21.08
C ASN B 43 17.34 -9.88 22.11
N GLY B 44 16.22 -9.22 21.79
CA GLY B 44 15.64 -8.20 22.67
C GLY B 44 16.22 -6.80 22.56
N GLU B 45 17.25 -6.65 21.73
CA GLU B 45 17.93 -5.36 21.57
C GLU B 45 17.70 -4.76 20.17
N ARG B 46 17.54 -3.44 20.13
CA ARG B 46 17.26 -2.72 18.88
C ARG B 46 18.39 -2.82 17.87
N ILE B 47 18.03 -3.19 16.64
CA ILE B 47 18.95 -3.23 15.52
C ILE B 47 19.14 -1.81 14.98
N GLU B 48 20.38 -1.43 14.73
CA GLU B 48 20.69 -0.08 14.26
C GLU B 48 20.53 0.03 12.75
N LYS B 49 20.23 1.24 12.29
CA LYS B 49 20.21 1.57 10.84
C LYS B 49 19.17 0.81 10.00
N VAL B 50 18.05 0.44 10.62
CA VAL B 50 16.92 -0.18 9.92
C VAL B 50 16.33 0.81 8.91
N GLU B 51 16.04 0.34 7.71
CA GLU B 51 15.45 1.17 6.65
C GLU B 51 13.94 0.98 6.59
N HIS B 52 13.25 1.96 6.00
CA HIS B 52 11.81 1.83 5.83
C HIS B 52 11.35 2.46 4.53
N SER B 53 10.20 1.98 4.04
CA SER B 53 9.57 2.52 2.85
C SER B 53 8.96 3.89 3.12
N ASP B 54 8.63 4.61 2.05
CA ASP B 54 7.93 5.89 2.15
C ASP B 54 6.45 5.65 2.40
N LEU B 55 5.90 6.44 3.32
CA LEU B 55 4.48 6.38 3.69
C LEU B 55 3.55 6.34 2.47
N SER B 56 2.74 5.29 2.43
CA SER B 56 1.75 5.12 1.38
C SER B 56 0.50 4.57 2.04
N PHE B 57 -0.59 4.47 1.28
CA PHE B 57 -1.85 4.00 1.85
C PHE B 57 -2.69 3.15 0.92
N SER B 58 -3.60 2.37 1.51
CA SER B 58 -4.49 1.46 0.80
C SER B 58 -5.76 2.15 0.34
N LYS B 59 -6.62 1.43 -0.39
CA LYS B 59 -7.85 2.02 -0.94
C LYS B 59 -8.76 2.58 0.14
N ASP B 60 -8.75 1.95 1.32
CA ASP B 60 -9.54 2.41 2.46
C ASP B 60 -8.87 3.54 3.27
N TRP B 61 -7.81 4.12 2.70
CA TRP B 61 -7.04 5.24 3.30
C TRP B 61 -6.07 4.86 4.42
N SER B 62 -6.11 3.60 4.87
CA SER B 62 -5.23 3.22 5.98
C SER B 62 -3.80 3.09 5.49
N PHE B 63 -2.86 3.36 6.40
CA PHE B 63 -1.44 3.46 6.03
C PHE B 63 -0.72 2.11 6.08
N TYR B 64 0.37 2.01 5.32
CA TYR B 64 1.27 0.86 5.44
C TYR B 64 2.73 1.27 5.29
N LEU B 65 3.60 0.59 6.03
CA LEU B 65 5.04 0.81 5.94
C LEU B 65 5.76 -0.52 6.08
N LEU B 66 6.90 -0.62 5.39
CA LEU B 66 7.78 -1.77 5.53
C LEU B 66 9.10 -1.30 6.12
N TYR B 67 9.46 -1.91 7.25
CA TYR B 67 10.76 -1.71 7.88
C TYR B 67 11.58 -2.96 7.61
N TYR B 68 12.85 -2.78 7.27
CA TYR B 68 13.68 -3.90 6.83
C TYR B 68 15.15 -3.72 7.14
N THR B 69 15.83 -4.84 7.37
CA THR B 69 17.26 -4.85 7.59
C THR B 69 17.84 -6.15 7.08
N GLU B 70 19.07 -6.09 6.57
CA GLU B 70 19.81 -7.30 6.20
C GLU B 70 20.13 -8.05 7.49
N PHE B 71 19.98 -9.37 7.46
CA PHE B 71 20.30 -10.22 8.61
C PHE B 71 20.69 -11.63 8.18
N THR B 72 21.49 -12.30 9.02
CA THR B 72 21.89 -13.67 8.77
C THR B 72 21.36 -14.51 9.92
N PRO B 73 20.23 -15.20 9.71
CA PRO B 73 19.59 -15.99 10.76
C PRO B 73 20.47 -17.13 11.24
N THR B 74 20.35 -17.45 12.52
CA THR B 74 21.01 -18.60 13.14
C THR B 74 19.95 -19.41 13.92
N GLU B 75 20.35 -20.51 14.54
CA GLU B 75 19.43 -21.31 15.36
C GLU B 75 19.06 -20.60 16.65
N LYS B 76 20.04 -19.96 17.28
CA LYS B 76 19.90 -19.36 18.61
C LYS B 76 19.28 -17.97 18.61
N ASP B 77 19.62 -17.16 17.61
CA ASP B 77 19.24 -15.75 17.58
C ASP B 77 17.75 -15.58 17.42
N GLU B 78 17.16 -14.78 18.30
CA GLU B 78 15.74 -14.49 18.26
C GLU B 78 15.53 -13.08 17.71
N TYR B 79 14.59 -12.97 16.78
CA TYR B 79 14.25 -11.68 16.17
C TYR B 79 12.79 -11.33 16.41
N ALA B 80 12.51 -10.04 16.45
CA ALA B 80 11.16 -9.56 16.70
C ALA B 80 11.01 -8.15 16.16
N CYS B 81 9.76 -7.73 16.06
CA CYS B 81 9.42 -6.36 15.72
C CYS B 81 8.64 -5.74 16.89
N ARG B 82 9.00 -4.51 17.26
CA ARG B 82 8.31 -3.78 18.32
C ARG B 82 7.67 -2.52 17.76
N VAL B 83 6.36 -2.41 17.98
CA VAL B 83 5.57 -1.34 17.38
C VAL B 83 4.86 -0.50 18.45
N ASN B 84 5.00 0.82 18.36
CA ASN B 84 4.17 1.70 19.16
C ASN B 84 3.28 2.60 18.29
N HIS B 85 2.06 2.81 18.77
CA HIS B 85 1.04 3.57 18.06
C HIS B 85 0.04 4.06 19.09
N VAL B 86 -0.67 5.16 18.78
CA VAL B 86 -1.66 5.75 19.70
C VAL B 86 -2.73 4.73 20.16
N THR B 87 -3.02 3.75 19.31
CA THR B 87 -4.03 2.72 19.61
C THR B 87 -3.55 1.69 20.62
N LEU B 88 -2.26 1.74 20.96
CA LEU B 88 -1.66 0.75 21.86
C LEU B 88 -1.35 1.35 23.23
N SER B 89 -1.81 0.68 24.28
CA SER B 89 -1.53 1.09 25.66
C SER B 89 -0.07 0.83 26.03
N GLN B 90 0.53 -0.13 25.33
CA GLN B 90 1.94 -0.49 25.49
C GLN B 90 2.49 -0.99 24.15
N PRO B 91 3.80 -0.81 23.90
CA PRO B 91 4.38 -1.31 22.65
C PRO B 91 4.08 -2.80 22.43
N LYS B 92 3.73 -3.14 21.18
CA LYS B 92 3.42 -4.52 20.83
C LYS B 92 4.64 -5.19 20.22
N ILE B 93 5.01 -6.33 20.78
CA ILE B 93 6.14 -7.12 20.28
C ILE B 93 5.62 -8.35 19.58
N VAL B 94 6.05 -8.53 18.33
CA VAL B 94 5.70 -9.71 17.53
C VAL B 94 7.01 -10.41 17.19
N LYS B 95 7.12 -11.67 17.60
CA LYS B 95 8.33 -12.45 17.39
C LYS B 95 8.39 -13.00 15.98
N TRP B 96 9.59 -13.08 15.42
CA TRP B 96 9.78 -13.73 14.13
C TRP B 96 9.69 -15.24 14.31
N ASP B 97 8.78 -15.84 13.55
CA ASP B 97 8.62 -17.29 13.49
C ASP B 97 8.81 -17.68 12.04
N ARG B 98 9.88 -18.41 11.76
CA ARG B 98 10.25 -18.74 10.38
C ARG B 98 9.21 -19.58 9.62
N ASP B 99 8.11 -19.91 10.31
CA ASP B 99 6.97 -20.62 9.71
C ASP B 99 5.72 -19.72 9.60
N MET B 100 5.94 -18.39 9.60
CA MET B 100 4.85 -17.42 9.48
C MET B 100 5.23 -16.19 8.64
N ARG C 1 3.07 11.09 -15.63
CA ARG C 1 3.47 12.34 -14.94
C ARG C 1 2.27 13.00 -14.26
N ARG C 2 2.56 13.86 -13.29
CA ARG C 2 1.54 14.49 -12.44
C ARG C 2 0.75 15.59 -13.14
N ARG C 3 -0.44 15.89 -12.60
CA ARG C 3 -1.22 17.02 -13.08
CA ARG C 3 -1.23 17.02 -13.07
C ARG C 3 -0.57 18.32 -12.61
N TRP C 4 -0.43 19.27 -13.53
CA TRP C 4 0.25 20.53 -13.27
C TRP C 4 -0.52 21.48 -12.35
N ARG C 5 -1.79 21.70 -12.67
CA ARG C 5 -2.56 22.79 -12.06
C ARG C 5 -2.85 22.58 -10.58
N ARG C 6 -2.72 23.67 -9.81
CA ARG C 6 -2.97 23.61 -8.38
CA ARG C 6 -2.97 23.70 -8.37
C ARG C 6 -4.46 23.59 -8.08
N LEU C 7 -4.80 23.09 -6.89
CA LEU C 7 -6.17 22.96 -6.46
C LEU C 7 -6.23 23.10 -4.93
N THR C 8 -7.16 23.92 -4.45
CA THR C 8 -7.39 24.07 -3.02
C THR C 8 -8.84 23.74 -2.67
N LEU C 9 -9.06 23.26 -1.48
N LEU C 9 -9.00 23.17 -1.52
CA LEU C 9 -10.36 22.88 -1.11
CA LEU C 9 -10.31 22.77 -1.10
C LEU C 9 -11.15 23.95 -0.32
C LEU C 9 -11.09 23.92 -0.42
C1 GOL D . -3.98 18.99 -6.88
O1 GOL D . -4.19 19.48 -5.57
C2 GOL D . -4.37 17.52 -6.90
O2 GOL D . -3.39 16.79 -6.20
C3 GOL D . -4.44 17.03 -8.36
O3 GOL D . -5.61 17.50 -8.97
C1 GOL E . 4.72 12.42 -24.68
O1 GOL E . 5.94 13.07 -24.34
C2 GOL E . 4.44 11.31 -23.67
O2 GOL E . 4.90 10.06 -24.17
C3 GOL E . 2.95 11.20 -23.35
O3 GOL E . 2.16 11.68 -24.42
C TRS F . -0.70 0.33 -4.90
C1 TRS F . -0.16 1.06 -3.67
C2 TRS F . -0.94 1.35 -6.00
C3 TRS F . 0.34 -0.65 -5.41
N TRS F . -1.92 -0.41 -4.57
O1 TRS F . -1.06 0.98 -2.59
O2 TRS F . -2.25 1.24 -6.51
O3 TRS F . 0.68 -1.59 -4.42
C1 GOL G . 8.80 -15.51 5.29
O1 GOL G . 8.38 -14.38 4.57
C2 GOL G . 8.75 -16.73 4.38
O2 GOL G . 8.93 -17.88 5.19
C3 GOL G . 9.89 -16.60 3.38
O3 GOL G . 9.78 -17.64 2.43
C1 GOL H . 5.82 8.04 16.96
O1 GOL H . 5.92 9.01 15.94
C2 GOL H . 4.36 7.83 17.31
O2 GOL H . 3.91 8.91 18.11
C3 GOL H . 4.19 6.52 18.08
O3 GOL H . 2.84 6.39 18.48
O1 MES I . 1.04 -3.93 -0.94
C2 MES I . 0.67 -2.61 -0.51
C3 MES I . -0.46 -2.03 -1.36
N4 MES I . -1.55 -2.99 -1.27
C5 MES I . -1.31 -4.42 -1.48
C6 MES I . 0.16 -4.52 -1.92
C7 MES I . -2.90 -2.51 -0.95
C8 MES I . -3.71 -2.64 -2.24
S MES I . -5.03 -1.61 -2.25
O1S MES I . -4.60 -0.28 -2.71
O2S MES I . -6.04 -2.18 -3.18
O3S MES I . -5.62 -1.50 -0.90
C1 GOL J . 24.11 -21.01 11.58
O1 GOL J . 24.76 -19.75 11.49
C2 GOL J . 23.57 -21.22 12.98
O2 GOL J . 24.62 -21.27 13.93
C3 GOL J . 22.79 -22.52 13.03
O3 GOL J . 22.21 -22.63 14.31
C1 GOL K . 1.21 25.91 -9.25
O1 GOL K . 2.57 25.64 -9.49
C2 GOL K . 0.82 25.94 -10.69
O2 GOL K . 1.11 24.69 -11.18
C3 GOL K . -0.41 26.64 -11.21
O3 GOL K . -1.65 26.09 -10.92
#